data_7W09
#
_entry.id   7W09
#
_cell.length_a   54.413
_cell.length_b   75.446
_cell.length_c   61.766
_cell.angle_alpha   90.000
_cell.angle_beta   113.839
_cell.angle_gamma   90.000
#
_symmetry.space_group_name_H-M   'P 1 21 1'
#
loop_
_entity.id
_entity.type
_entity.pdbx_description
1 polymer Glycosyltransferase
2 water water
#
_entity_poly.entity_id   1
_entity_poly.type   'polypeptide(L)'
_entity_poly.pdbx_seq_one_letter_code
;GSHMGTIEISSPSKTHILAFPFPEKGHINPMLHLCNRLASKGFRVTLITTISTYKDVKNKIKCKSKGGLINLESIPDGTD
KNLGMNGYFNQFKNSVTESVAGIIEEYKLGHDFPPPKVLIYDSTMPWMLDVAHGHGILGASLFTQPCCVSVVYYHMLQGT
IDFHREQSSSSKVLLLPCLPPLEDRDLPEFDYFKEDSGFVSNLLLNQFLNIDKIDYVLFNTFEMLESEIANWMSNKWKIL
TIGPTAPTAAAAAAANNYLFETNTEVCMKWLDEREPNSVIYVSFGSIASLTEQQMEEISQALFTTNFNFLWVVREEERTK
LPNCLNNNNNNNNNPSSESFTTAAGKLGLIINWCPQLDVLRHESVACFMTHCGWNSTLEAISSGVPMICVPQWVDQTTNA
KFIQDVWKIGVRVNNNNGENGGLVKKEEIERCIKEVCESEKGKELKRNAMKWKDLSKEAVSEGGSSDTNLEYFASTLLFY
;
_entity_poly.pdbx_strand_id   A
#
# COMPACT_ATOMS: atom_id res chain seq x y z
N SER A 2 -10.24 7.65 52.78
CA SER A 2 -10.44 8.72 51.81
C SER A 2 -9.35 9.76 51.90
N HIS A 3 -8.30 9.44 52.65
CA HIS A 3 -7.08 10.21 52.71
C HIS A 3 -5.93 9.22 52.60
N MET A 4 -4.77 9.71 52.18
CA MET A 4 -3.55 8.90 52.06
C MET A 4 -3.61 7.76 51.05
N GLY A 5 -2.66 7.74 50.13
CA GLY A 5 -2.57 6.68 49.15
C GLY A 5 -1.93 7.22 47.89
N THR A 6 -1.73 6.34 46.92
CA THR A 6 -1.04 6.67 45.69
C THR A 6 -1.95 6.40 44.51
N ILE A 7 -2.06 7.39 43.60
CA ILE A 7 -2.71 7.26 42.30
C ILE A 7 -1.68 6.84 41.28
N GLU A 8 -2.01 5.91 40.39
CA GLU A 8 -1.14 5.58 39.27
C GLU A 8 -1.89 5.85 37.97
N ILE A 9 -1.29 6.62 37.06
CA ILE A 9 -1.96 7.09 35.84
C ILE A 9 -1.27 6.47 34.63
N SER A 10 -2.04 5.76 33.80
CA SER A 10 -1.55 5.21 32.56
C SER A 10 -2.11 6.07 31.41
N SER A 11 -1.21 6.70 30.65
CA SER A 11 -1.57 7.68 29.64
C SER A 11 -0.79 7.43 28.36
N PRO A 12 -1.24 7.98 27.23
CA PRO A 12 -0.42 7.88 26.01
C PRO A 12 1.01 8.38 26.20
N SER A 13 1.20 9.47 26.94
CA SER A 13 2.54 10.05 27.08
C SER A 13 3.52 9.09 27.73
N LYS A 14 3.05 8.10 28.47
CA LYS A 14 3.95 7.15 29.11
C LYS A 14 3.76 5.75 28.59
N THR A 15 3.26 5.63 27.34
CA THR A 15 3.08 4.35 26.67
C THR A 15 3.93 4.34 25.39
N HIS A 16 4.72 3.29 25.23
CA HIS A 16 5.71 3.23 24.15
C HIS A 16 5.26 2.19 23.13
N ILE A 17 5.04 2.65 21.90
CA ILE A 17 4.65 1.80 20.77
C ILE A 17 5.85 1.63 19.85
N LEU A 18 6.20 0.39 19.54
CA LEU A 18 7.21 0.06 18.55
C LEU A 18 6.53 -0.34 17.24
N ALA A 19 7.17 -0.01 16.13
CA ALA A 19 6.61 -0.26 14.80
C ALA A 19 7.71 -0.74 13.85
N PHE A 20 7.43 -1.78 13.09
CA PHE A 20 8.42 -2.43 12.22
C PHE A 20 7.76 -2.81 10.90
N PRO A 21 7.90 -1.98 9.87
CA PRO A 21 7.38 -2.34 8.53
C PRO A 21 8.30 -3.28 7.77
N PHE A 22 7.71 -4.07 6.88
CA PHE A 22 8.50 -4.73 5.85
C PHE A 22 9.23 -3.67 5.02
N PRO A 23 10.49 -3.91 4.62
CA PRO A 23 11.24 -2.82 3.94
C PRO A 23 10.91 -2.67 2.46
N GLU A 24 9.70 -2.20 2.19
CA GLU A 24 9.34 -1.73 0.86
C GLU A 24 8.47 -0.49 1.04
N LYS A 25 8.60 0.45 0.09
CA LYS A 25 7.95 1.75 0.26
C LYS A 25 6.44 1.62 0.41
N GLY A 26 5.83 0.67 -0.31
CA GLY A 26 4.39 0.46 -0.18
C GLY A 26 3.97 -0.13 1.15
N HIS A 27 4.91 -0.70 1.89
CA HIS A 27 4.69 -1.18 3.26
C HIS A 27 5.12 -0.14 4.29
N ILE A 28 6.20 0.59 3.99
CA ILE A 28 6.74 1.59 4.91
C ILE A 28 5.79 2.77 5.04
N ASN A 29 5.32 3.31 3.92
CA ASN A 29 4.55 4.55 3.99
C ASN A 29 3.29 4.42 4.84
N PRO A 30 2.45 3.38 4.71
CA PRO A 30 1.26 3.32 5.57
C PRO A 30 1.61 3.14 7.03
N MET A 31 2.69 2.40 7.30
CA MET A 31 3.18 2.25 8.68
C MET A 31 3.56 3.61 9.25
N LEU A 32 4.29 4.41 8.46
CA LEU A 32 4.78 5.70 8.91
C LEU A 32 3.64 6.67 9.17
N HIS A 33 2.62 6.70 8.29
CA HIS A 33 1.46 7.56 8.55
C HIS A 33 0.74 7.12 9.84
N LEU A 34 0.60 5.80 10.05
CA LEU A 34 0.00 5.30 11.27
C LEU A 34 0.78 5.76 12.50
N CYS A 35 2.12 5.68 12.43
CA CYS A 35 2.95 6.15 13.53
C CYS A 35 2.69 7.63 13.82
N ASN A 36 2.51 8.44 12.77
CA ASN A 36 2.26 9.87 12.97
C ASN A 36 0.93 10.10 13.66
N ARG A 37 -0.08 9.31 13.31
CA ARG A 37 -1.38 9.45 13.96
C ARG A 37 -1.29 9.05 15.43
N LEU A 38 -0.56 7.98 15.72
CA LEU A 38 -0.40 7.57 17.12
C LEU A 38 0.40 8.60 17.92
N ALA A 39 1.46 9.16 17.33
CA ALA A 39 2.19 10.19 18.06
C ALA A 39 1.32 11.42 18.31
N SER A 40 0.41 11.74 17.38
CA SER A 40 -0.51 12.87 17.57
C SER A 40 -1.44 12.66 18.76
N LYS A 41 -1.82 11.42 19.05
CA LYS A 41 -2.60 11.14 20.26
C LYS A 41 -1.75 11.21 21.53
N GLY A 42 -0.43 11.39 21.39
CA GLY A 42 0.46 11.56 22.53
C GLY A 42 1.31 10.34 22.86
N PHE A 43 1.22 9.27 22.07
CA PHE A 43 2.03 8.10 22.36
C PHE A 43 3.49 8.35 22.04
N ARG A 44 4.38 7.70 22.80
CA ARG A 44 5.78 7.60 22.40
C ARG A 44 5.89 6.48 21.37
N VAL A 45 6.46 6.79 20.20
CA VAL A 45 6.45 5.88 19.08
C VAL A 45 7.87 5.75 18.54
N THR A 46 8.36 4.52 18.45
CA THR A 46 9.65 4.21 17.84
C THR A 46 9.43 3.37 16.58
N LEU A 47 9.83 3.94 15.45
CA LEU A 47 9.79 3.25 14.17
C LEU A 47 11.13 2.58 13.91
N ILE A 48 11.10 1.29 13.63
CA ILE A 48 12.29 0.50 13.34
C ILE A 48 12.29 0.21 11.84
N THR A 49 13.42 0.41 11.17
CA THR A 49 13.49 0.06 9.75
C THR A 49 14.92 -0.28 9.36
N THR A 50 15.04 -1.02 8.25
CA THR A 50 16.37 -1.42 7.78
C THR A 50 17.21 -0.20 7.41
N ILE A 51 18.53 -0.38 7.51
CA ILE A 51 19.47 0.70 7.22
C ILE A 51 19.36 1.18 5.77
N SER A 52 19.03 0.30 4.82
CA SER A 52 18.87 0.75 3.44
C SER A 52 17.58 1.54 3.21
N THR A 53 16.61 1.49 4.12
CA THR A 53 15.43 2.33 4.00
C THR A 53 15.41 3.47 5.01
N TYR A 54 16.46 3.59 5.84
CA TYR A 54 16.51 4.56 6.92
C TYR A 54 16.36 6.00 6.44
N LYS A 55 17.15 6.39 5.43
CA LYS A 55 17.19 7.81 5.05
C LYS A 55 15.87 8.25 4.45
N ASP A 56 15.24 7.34 3.68
CA ASP A 56 13.94 7.66 3.11
C ASP A 56 12.93 7.96 4.21
N VAL A 57 12.94 7.16 5.29
CA VAL A 57 12.00 7.37 6.39
C VAL A 57 12.35 8.64 7.16
N LYS A 58 13.65 8.90 7.33
CA LYS A 58 14.07 10.12 8.03
C LYS A 58 13.56 11.37 7.32
N ASN A 59 13.60 11.39 5.99
CA ASN A 59 13.13 12.57 5.26
C ASN A 59 11.63 12.78 5.43
N LYS A 60 10.88 11.70 5.59
CA LYS A 60 9.43 11.84 5.67
C LYS A 60 8.99 12.25 7.07
N ILE A 61 9.77 11.95 8.10
CA ILE A 61 9.46 12.38 9.46
C ILE A 61 10.09 13.74 9.72
N LEU A 69 8.78 14.01 16.68
CA LEU A 69 7.49 13.31 16.73
C LEU A 69 7.66 11.80 16.89
N ILE A 70 8.55 11.23 16.08
CA ILE A 70 8.76 9.79 16.00
C ILE A 70 10.22 9.51 16.27
N ASN A 71 10.49 8.55 17.16
CA ASN A 71 11.84 8.06 17.40
C ASN A 71 12.19 7.01 16.34
N LEU A 72 13.36 7.13 15.73
CA LEU A 72 13.69 6.26 14.61
C LEU A 72 14.87 5.39 15.03
N GLU A 73 14.80 4.10 14.73
CA GLU A 73 15.89 3.17 15.02
C GLU A 73 16.22 2.40 13.74
N SER A 74 17.51 2.14 13.50
CA SER A 74 17.91 1.36 12.34
C SER A 74 18.29 -0.06 12.76
N ILE A 75 18.20 -0.98 11.80
CA ILE A 75 18.67 -2.35 11.98
C ILE A 75 19.36 -2.80 10.69
N PRO A 76 20.24 -3.80 10.78
CA PRO A 76 20.90 -4.30 9.57
C PRO A 76 19.88 -4.77 8.54
N ASP A 77 20.23 -4.61 7.25
CA ASP A 77 19.32 -5.06 6.20
C ASP A 77 19.03 -6.54 6.31
N GLY A 78 20.01 -7.32 6.74
CA GLY A 78 19.86 -8.76 6.85
C GLY A 78 19.81 -9.51 5.53
N THR A 79 20.11 -8.86 4.41
CA THR A 79 20.06 -9.54 3.12
C THR A 79 21.15 -9.01 2.22
N ASP A 80 21.45 -9.78 1.19
CA ASP A 80 22.20 -9.31 0.03
C ASP A 80 21.21 -9.07 -1.10
N LYS A 81 21.29 -7.88 -1.72
CA LYS A 81 20.35 -7.53 -2.79
C LYS A 81 20.34 -8.58 -3.90
N ASN A 82 21.47 -9.22 -4.16
CA ASN A 82 21.54 -10.29 -5.14
C ASN A 82 21.05 -11.60 -4.53
N GLY A 84 18.80 -15.22 -4.69
CA GLY A 84 17.61 -16.06 -4.80
C GLY A 84 16.53 -15.66 -3.82
N MET A 85 15.27 -15.77 -4.25
CA MET A 85 14.16 -15.33 -3.39
C MET A 85 14.11 -16.10 -2.09
N ASN A 86 14.37 -17.42 -2.14
CA ASN A 86 14.36 -18.23 -0.92
C ASN A 86 15.47 -17.83 0.03
N GLY A 87 16.72 -17.77 -0.47
CA GLY A 87 17.83 -17.39 0.41
C GLY A 87 17.68 -15.97 0.91
N TYR A 88 17.04 -15.12 0.12
CA TYR A 88 16.73 -13.76 0.56
C TYR A 88 15.94 -13.78 1.87
N PHE A 89 14.99 -14.70 2.01
CA PHE A 89 14.01 -14.64 3.09
C PHE A 89 14.49 -15.29 4.39
N ASN A 90 15.04 -16.50 4.32
CA ASN A 90 15.44 -17.18 5.54
C ASN A 90 16.52 -16.40 6.28
N GLN A 91 17.38 -15.70 5.54
CA GLN A 91 18.39 -14.87 6.20
C GLN A 91 17.81 -13.54 6.66
N PHE A 92 16.83 -13.02 5.93
CA PHE A 92 16.13 -11.82 6.38
C PHE A 92 15.42 -12.07 7.70
N LYS A 93 14.66 -13.17 7.80
CA LYS A 93 13.90 -13.47 9.01
C LYS A 93 14.83 -13.66 10.21
N ASN A 94 15.95 -14.35 10.00
CA ASN A 94 16.85 -14.61 11.12
C ASN A 94 17.51 -13.33 11.59
N SER A 95 17.87 -12.45 10.67
CA SER A 95 18.52 -11.19 11.04
C SER A 95 17.55 -10.26 11.78
N VAL A 96 16.35 -10.04 11.23
CA VAL A 96 15.49 -9.01 11.83
C VAL A 96 14.91 -9.49 13.16
N THR A 97 14.73 -10.79 13.32
CA THR A 97 14.27 -11.34 14.60
C THR A 97 15.22 -10.97 15.73
N GLU A 98 16.53 -11.21 15.54
CA GLU A 98 17.51 -10.89 16.57
C GLU A 98 17.64 -9.38 16.77
N SER A 99 17.64 -8.59 15.68
CA SER A 99 17.85 -7.16 15.88
C SER A 99 16.64 -6.50 16.56
N VAL A 100 15.42 -6.86 16.16
CA VAL A 100 14.26 -6.29 16.83
C VAL A 100 14.20 -6.76 18.28
N ALA A 101 14.51 -8.04 18.52
CA ALA A 101 14.63 -8.53 19.90
C ALA A 101 15.59 -7.67 20.71
N GLY A 102 16.75 -7.33 20.15
CA GLY A 102 17.70 -6.50 20.87
C GLY A 102 17.15 -5.12 21.17
N ILE A 103 16.42 -4.54 20.22
CA ILE A 103 15.82 -3.24 20.45
C ILE A 103 14.78 -3.31 21.56
N ILE A 104 14.00 -4.39 21.61
CA ILE A 104 12.96 -4.50 22.63
C ILE A 104 13.58 -4.51 24.03
N GLU A 105 14.60 -5.35 24.22
CA GLU A 105 15.22 -5.43 25.54
C GLU A 105 15.94 -4.14 25.90
N GLU A 106 16.56 -3.49 24.91
CA GLU A 106 17.21 -2.19 25.15
C GLU A 106 16.24 -1.18 25.78
N TYR A 107 15.05 -1.06 25.19
CA TYR A 107 14.08 -0.10 25.71
C TYR A 107 13.37 -0.62 26.95
N LYS A 108 13.32 -1.93 27.17
CA LYS A 108 12.76 -2.42 28.43
C LYS A 108 13.62 -1.99 29.61
N LEU A 109 14.93 -1.89 29.42
CA LEU A 109 15.87 -1.63 30.50
C LEU A 109 16.28 -0.18 30.61
N GLY A 110 15.97 0.64 29.61
CA GLY A 110 16.37 2.03 29.62
C GLY A 110 15.47 2.90 30.47
N HIS A 111 15.77 4.20 30.47
CA HIS A 111 15.10 5.17 31.30
C HIS A 111 14.58 6.39 30.54
N ASP A 112 14.99 6.60 29.28
CA ASP A 112 14.47 7.75 28.54
C ASP A 112 13.03 7.51 28.11
N PHE A 113 12.77 6.37 27.51
CA PHE A 113 11.43 6.01 27.05
C PHE A 113 10.75 5.08 28.05
N PRO A 114 9.43 4.99 28.00
CA PRO A 114 8.75 3.88 28.69
C PRO A 114 9.13 2.56 28.06
N PRO A 115 9.00 1.44 28.78
CA PRO A 115 9.21 0.15 28.15
C PRO A 115 8.19 -0.08 27.07
N PRO A 116 8.52 -0.86 26.04
CA PRO A 116 7.58 -1.12 24.95
C PRO A 116 6.37 -1.89 25.45
N LYS A 117 5.19 -1.43 25.02
CA LYS A 117 3.91 -2.07 25.34
C LYS A 117 3.39 -2.97 24.22
N VAL A 118 3.79 -2.68 22.98
CA VAL A 118 3.26 -3.39 21.81
C VAL A 118 4.25 -3.21 20.66
N LEU A 119 4.34 -4.22 19.81
CA LEU A 119 5.03 -4.13 18.52
C LEU A 119 3.99 -4.19 17.42
N ILE A 120 3.93 -3.14 16.60
CA ILE A 120 3.20 -3.19 15.34
C ILE A 120 4.17 -3.67 14.26
N TYR A 121 3.85 -4.80 13.64
CA TYR A 121 4.71 -5.43 12.63
C TYR A 121 3.89 -5.67 11.38
N ASP A 122 4.58 -5.73 10.24
CA ASP A 122 3.92 -5.99 8.97
C ASP A 122 3.36 -7.41 8.94
N SER A 123 2.13 -7.55 8.43
CA SER A 123 1.43 -8.83 8.43
C SER A 123 2.16 -9.93 7.68
N THR A 124 3.05 -9.59 6.73
CA THR A 124 3.80 -10.62 6.01
C THR A 124 4.96 -11.17 6.83
N MET A 125 5.07 -10.74 8.07
CA MET A 125 6.19 -11.07 8.94
C MET A 125 5.57 -11.71 10.18
N PRO A 126 4.74 -12.76 10.02
CA PRO A 126 3.97 -13.26 11.19
C PRO A 126 4.83 -13.82 12.30
N TRP A 127 6.07 -14.22 12.03
CA TRP A 127 6.96 -14.69 13.10
C TRP A 127 7.29 -13.59 14.10
N MET A 128 7.10 -12.31 13.74
CA MET A 128 7.29 -11.24 14.72
C MET A 128 6.26 -11.26 15.83
N LEU A 129 5.13 -11.97 15.67
CA LEU A 129 4.25 -12.15 16.81
C LEU A 129 4.95 -12.95 17.90
N ASP A 130 5.71 -13.97 17.50
CA ASP A 130 6.44 -14.77 18.47
C ASP A 130 7.54 -13.95 19.14
N VAL A 131 8.15 -13.00 18.41
CA VAL A 131 9.14 -12.11 19.01
C VAL A 131 8.49 -11.24 20.07
N ALA A 132 7.35 -10.63 19.74
CA ALA A 132 6.67 -9.76 20.69
C ALA A 132 6.28 -10.52 21.95
N HIS A 133 5.57 -11.64 21.77
CA HIS A 133 5.12 -12.42 22.91
C HIS A 133 6.29 -13.01 23.69
N GLY A 134 7.34 -13.47 22.98
CA GLY A 134 8.52 -13.98 23.64
C GLY A 134 9.21 -12.97 24.53
N HIS A 135 8.95 -11.69 24.30
CA HIS A 135 9.49 -10.62 25.12
C HIS A 135 8.45 -9.99 26.03
N GLY A 136 7.27 -10.60 26.13
CA GLY A 136 6.27 -10.17 27.08
C GLY A 136 5.52 -8.92 26.70
N ILE A 137 5.38 -8.62 25.40
CA ILE A 137 4.67 -7.44 24.94
C ILE A 137 3.61 -7.88 23.93
N LEU A 138 2.71 -6.95 23.62
CA LEU A 138 1.63 -7.29 22.70
C LEU A 138 2.12 -7.19 21.25
N GLY A 139 1.35 -7.79 20.35
CA GLY A 139 1.68 -7.80 18.94
C GLY A 139 0.49 -7.40 18.11
N ALA A 140 0.68 -6.41 17.23
CA ALA A 140 -0.36 -5.88 16.36
C ALA A 140 0.09 -6.07 14.90
N SER A 141 -0.67 -6.88 14.16
CA SER A 141 -0.32 -7.18 12.77
C SER A 141 -0.99 -6.17 11.86
N LEU A 142 -0.18 -5.41 11.11
CA LEU A 142 -0.68 -4.42 10.17
C LEU A 142 -0.70 -5.03 8.77
N PHE A 143 -1.91 -5.30 8.26
CA PHE A 143 -2.09 -5.72 6.87
C PHE A 143 -2.10 -4.47 5.99
N THR A 144 -1.17 -4.38 5.06
CA THR A 144 -1.16 -3.31 4.06
C THR A 144 -1.78 -3.80 2.74
N GLN A 145 -2.94 -4.44 2.86
CA GLN A 145 -3.71 -4.97 1.74
C GLN A 145 -5.18 -4.79 2.08
N PRO A 146 -6.07 -4.81 1.07
CA PRO A 146 -7.49 -4.69 1.38
C PRO A 146 -8.00 -5.97 2.01
N CYS A 147 -9.15 -5.85 2.69
CA CYS A 147 -9.82 -7.04 3.22
C CYS A 147 -10.13 -8.06 2.13
N CYS A 148 -10.57 -7.59 0.94
CA CYS A 148 -11.08 -8.53 -0.06
C CYS A 148 -10.00 -9.49 -0.53
N VAL A 149 -8.84 -8.96 -0.91
CA VAL A 149 -7.78 -9.86 -1.37
C VAL A 149 -7.24 -10.69 -0.21
N SER A 150 -7.25 -10.14 1.02
CA SER A 150 -6.72 -10.87 2.16
C SER A 150 -7.54 -12.13 2.44
N VAL A 151 -8.86 -11.99 2.39
CA VAL A 151 -9.75 -13.14 2.54
C VAL A 151 -9.44 -14.21 1.50
N VAL A 152 -9.13 -13.81 0.27
CA VAL A 152 -8.77 -14.80 -0.75
C VAL A 152 -7.56 -15.63 -0.29
N TYR A 153 -6.55 -14.97 0.31
CA TYR A 153 -5.40 -15.70 0.85
C TYR A 153 -5.83 -16.65 1.98
N TYR A 154 -6.77 -16.22 2.82
CA TYR A 154 -7.21 -17.10 3.89
C TYR A 154 -7.89 -18.35 3.33
N HIS A 155 -8.72 -18.18 2.30
CA HIS A 155 -9.36 -19.34 1.71
C HIS A 155 -8.35 -20.27 1.06
N MET A 156 -7.34 -19.70 0.37
CA MET A 156 -6.24 -20.49 -0.17
C MET A 156 -5.51 -21.28 0.92
N LEU A 157 -5.31 -20.67 2.09
CA LEU A 157 -4.68 -21.39 3.20
C LEU A 157 -5.52 -22.56 3.69
N GLN A 158 -6.83 -22.41 3.76
CA GLN A 158 -7.72 -23.46 4.28
C GLN A 158 -7.81 -24.64 3.34
N ILE A 161 -10.85 -25.01 -1.02
CA ILE A 161 -11.28 -24.86 -2.42
C ILE A 161 -10.08 -24.91 -3.34
N ASP A 162 -10.27 -25.48 -4.54
CA ASP A 162 -9.17 -25.71 -5.49
C ASP A 162 -8.86 -24.41 -6.22
N PHE A 163 -7.70 -23.82 -5.93
CA PHE A 163 -7.27 -22.60 -6.61
C PHE A 163 -6.32 -22.88 -7.77
N HIS A 164 -6.07 -24.14 -8.08
CA HIS A 164 -5.30 -24.47 -9.28
C HIS A 164 -6.14 -24.14 -10.52
N ARG A 165 -5.49 -23.64 -11.56
CA ARG A 165 -6.18 -23.31 -12.80
C ARG A 165 -5.39 -23.87 -13.97
N GLU A 166 -6.09 -24.53 -14.90
CA GLU A 166 -5.41 -24.80 -16.16
C GLU A 166 -5.68 -23.64 -17.12
N GLN A 167 -6.95 -23.26 -17.31
CA GLN A 167 -7.36 -22.07 -18.06
C GLN A 167 -6.96 -22.13 -19.54
N SER A 168 -6.19 -23.15 -19.94
CA SER A 168 -6.01 -23.40 -21.36
C SER A 168 -7.22 -24.11 -21.96
N SER A 169 -7.92 -24.89 -21.14
CA SER A 169 -8.97 -25.80 -21.59
C SER A 169 -10.38 -25.32 -21.28
N SER A 170 -10.52 -24.37 -20.35
CA SER A 170 -11.82 -23.86 -19.93
C SER A 170 -11.55 -22.63 -19.07
N SER A 171 -12.61 -21.95 -18.68
CA SER A 171 -12.47 -20.81 -17.79
C SER A 171 -13.20 -21.11 -16.49
N LYS A 172 -12.67 -20.60 -15.38
CA LYS A 172 -13.28 -20.83 -14.09
C LYS A 172 -13.61 -19.51 -13.43
N VAL A 173 -14.71 -19.51 -12.68
CA VAL A 173 -15.18 -18.36 -11.93
C VAL A 173 -15.38 -18.83 -10.49
N LEU A 174 -14.75 -18.17 -9.54
CA LEU A 174 -14.74 -18.59 -8.16
C LEU A 174 -15.72 -17.75 -7.35
N LEU A 175 -16.53 -18.41 -6.51
CA LEU A 175 -17.47 -17.71 -5.64
C LEU A 175 -17.02 -17.91 -4.20
N LEU A 176 -16.77 -16.81 -3.51
CA LEU A 176 -16.45 -16.85 -2.10
C LEU A 176 -17.43 -15.98 -1.33
N PRO A 177 -17.68 -16.27 -0.05
CA PRO A 177 -18.70 -15.50 0.68
C PRO A 177 -18.32 -14.03 0.76
N CYS A 178 -19.30 -13.18 0.48
CA CYS A 178 -19.21 -11.73 0.61
C CYS A 178 -18.17 -11.11 -0.32
N LEU A 179 -17.82 -11.82 -1.40
CA LEU A 179 -17.02 -11.31 -2.50
C LEU A 179 -17.81 -11.43 -3.81
N PRO A 180 -17.56 -10.53 -4.76
CA PRO A 180 -18.13 -10.71 -6.10
C PRO A 180 -17.50 -11.92 -6.78
N PRO A 181 -18.16 -12.48 -7.80
CA PRO A 181 -17.56 -13.59 -8.55
C PRO A 181 -16.21 -13.19 -9.11
N LEU A 182 -15.22 -14.08 -8.97
CA LEU A 182 -13.85 -13.79 -9.40
C LEU A 182 -13.49 -14.64 -10.60
N GLU A 183 -13.24 -14.00 -11.74
CA GLU A 183 -12.70 -14.72 -12.88
C GLU A 183 -11.22 -15.05 -12.63
N ASP A 184 -10.68 -15.89 -13.51
CA ASP A 184 -9.30 -16.36 -13.33
C ASP A 184 -8.32 -15.19 -13.28
N ARG A 185 -8.55 -14.16 -14.10
CA ARG A 185 -7.66 -13.00 -14.15
C ARG A 185 -7.85 -12.09 -12.95
N ASP A 186 -8.87 -12.32 -12.13
CA ASP A 186 -9.11 -11.53 -10.93
C ASP A 186 -8.42 -12.10 -9.70
N LEU A 187 -7.92 -13.32 -9.78
CA LEU A 187 -7.27 -13.93 -8.63
C LEU A 187 -5.89 -13.31 -8.42
N PRO A 188 -5.36 -13.34 -7.20
CA PRO A 188 -3.99 -12.89 -6.98
C PRO A 188 -3.03 -13.66 -7.89
N GLU A 189 -2.05 -12.95 -8.42
CA GLU A 189 -1.22 -13.46 -9.51
C GLU A 189 0.11 -13.93 -8.94
N PHE A 190 0.28 -15.25 -8.83
CA PHE A 190 1.54 -15.83 -8.39
C PHE A 190 2.31 -16.52 -9.52
N ASP A 191 1.63 -16.92 -10.61
CA ASP A 191 2.31 -17.63 -11.69
C ASP A 191 3.42 -16.80 -12.35
N TYR A 192 3.36 -15.46 -12.25
CA TYR A 192 4.41 -14.62 -12.81
C TYR A 192 5.79 -14.99 -12.26
N PHE A 193 5.86 -15.43 -11.00
CA PHE A 193 7.13 -15.68 -10.34
C PHE A 193 7.74 -17.05 -10.68
N LYS A 194 7.08 -17.83 -11.54
CA LYS A 194 7.65 -19.05 -12.14
C LYS A 194 8.07 -20.00 -11.02
N GLU A 195 9.37 -20.33 -10.88
CA GLU A 195 9.85 -21.27 -9.88
C GLU A 195 9.78 -20.72 -8.46
N ASP A 196 9.49 -19.43 -8.30
CA ASP A 196 9.28 -18.81 -7.00
C ASP A 196 7.80 -18.67 -6.66
N SER A 197 6.91 -19.27 -7.45
CA SER A 197 5.48 -19.03 -7.28
C SER A 197 4.98 -19.55 -5.94
N GLY A 198 5.33 -20.79 -5.62
CA GLY A 198 4.95 -21.34 -4.31
C GLY A 198 5.52 -20.55 -3.15
N PHE A 199 6.72 -19.99 -3.30
CA PHE A 199 7.32 -19.20 -2.23
C PHE A 199 6.52 -17.94 -1.94
N VAL A 200 6.30 -17.11 -2.97
CA VAL A 200 5.55 -15.88 -2.79
C VAL A 200 4.14 -16.18 -2.31
N SER A 201 3.54 -17.24 -2.85
CA SER A 201 2.22 -17.66 -2.39
C SER A 201 2.23 -17.93 -0.89
N ASN A 202 3.22 -18.70 -0.42
CA ASN A 202 3.34 -19.00 1.01
C ASN A 202 3.49 -17.73 1.84
N LEU A 203 4.25 -16.75 1.34
CA LEU A 203 4.45 -15.53 2.12
C LEU A 203 3.13 -14.83 2.40
N LEU A 204 2.22 -14.81 1.42
CA LEU A 204 0.94 -14.13 1.60
C LEU A 204 -0.04 -14.99 2.39
N LEU A 205 -0.04 -16.30 2.13
CA LEU A 205 -0.93 -17.19 2.85
C LEU A 205 -0.60 -17.22 4.33
N ASN A 206 0.70 -17.17 4.66
CA ASN A 206 1.13 -17.33 6.04
C ASN A 206 0.87 -16.10 6.90
N GLN A 207 0.36 -15.01 6.31
CA GLN A 207 -0.16 -13.92 7.14
C GLN A 207 -1.24 -14.39 8.11
N PHE A 208 -1.90 -15.51 7.81
CA PHE A 208 -3.03 -16.02 8.60
C PHE A 208 -2.66 -17.20 9.49
N LEU A 209 -1.41 -17.64 9.48
CA LEU A 209 -1.02 -18.82 10.27
C LEU A 209 -1.39 -18.67 11.74
N ASN A 210 -1.17 -17.48 12.31
CA ASN A 210 -1.35 -17.30 13.74
C ASN A 210 -2.41 -16.25 14.05
N ILE A 211 -3.38 -16.07 13.17
CA ILE A 211 -4.30 -14.93 13.29
C ILE A 211 -5.10 -15.00 14.58
N ASP A 212 -5.43 -16.21 15.04
CA ASP A 212 -6.18 -16.33 16.28
C ASP A 212 -5.37 -15.93 17.50
N LYS A 213 -4.05 -15.75 17.37
CA LYS A 213 -3.20 -15.38 18.50
C LYS A 213 -2.76 -13.92 18.46
N ILE A 214 -3.01 -13.21 17.36
CA ILE A 214 -2.61 -11.82 17.24
C ILE A 214 -3.43 -10.98 18.20
N ASP A 215 -2.78 -10.02 18.88
CA ASP A 215 -3.51 -9.23 19.87
C ASP A 215 -4.42 -8.20 19.19
N TYR A 216 -3.92 -7.52 18.16
CA TYR A 216 -4.70 -6.60 17.35
C TYR A 216 -4.45 -6.86 15.87
N VAL A 217 -5.50 -7.04 15.09
CA VAL A 217 -5.37 -7.23 13.65
C VAL A 217 -5.76 -5.91 13.00
N LEU A 218 -4.82 -5.24 12.35
CA LEU A 218 -5.05 -3.91 11.80
C LEU A 218 -5.05 -3.96 10.27
N PHE A 219 -6.03 -3.29 9.65
CA PHE A 219 -6.12 -3.22 8.19
C PHE A 219 -6.11 -1.78 7.74
N ASN A 220 -5.27 -1.48 6.74
CA ASN A 220 -5.24 -0.15 6.15
C ASN A 220 -6.32 -0.05 5.08
N THR A 221 -7.55 0.02 5.53
CA THR A 221 -8.72 0.21 4.68
C THR A 221 -9.82 0.84 5.52
N PHE A 222 -10.93 1.19 4.88
CA PHE A 222 -12.03 1.74 5.66
C PHE A 222 -13.31 0.97 5.40
N GLU A 223 -14.13 0.89 6.45
CA GLU A 223 -15.26 -0.04 6.49
C GLU A 223 -16.22 0.18 5.32
N MET A 224 -16.51 1.43 4.99
CA MET A 224 -17.48 1.68 3.91
C MET A 224 -16.96 1.19 2.56
N LEU A 225 -15.64 1.13 2.38
CA LEU A 225 -15.11 0.70 1.08
C LEU A 225 -15.31 -0.80 0.89
N GLU A 226 -15.32 -1.57 1.98
CA GLU A 226 -15.36 -3.03 1.96
C GLU A 226 -16.40 -3.56 2.94
N SER A 227 -17.58 -2.96 2.96
CA SER A 227 -18.55 -3.19 4.03
C SER A 227 -18.86 -4.68 4.23
N GLU A 228 -19.28 -5.36 3.15
CA GLU A 228 -19.68 -6.76 3.26
C GLU A 228 -18.53 -7.63 3.79
N ILE A 229 -17.36 -7.55 3.16
CA ILE A 229 -16.30 -8.48 3.54
C ILE A 229 -15.69 -8.09 4.88
N ALA A 230 -15.66 -6.79 5.19
CA ALA A 230 -15.12 -6.36 6.49
C ALA A 230 -15.96 -6.91 7.65
N ASN A 231 -17.29 -6.90 7.50
CA ASN A 231 -18.17 -7.48 8.52
C ASN A 231 -17.94 -8.98 8.65
N TRP A 232 -17.88 -9.69 7.52
CA TRP A 232 -17.59 -11.12 7.52
C TRP A 232 -16.31 -11.41 8.29
N MET A 233 -15.27 -10.61 8.06
CA MET A 233 -14.01 -10.79 8.79
C MET A 233 -14.17 -10.42 10.26
N SER A 234 -14.91 -9.35 10.54
CA SER A 234 -15.04 -8.87 11.91
C SER A 234 -15.75 -9.90 12.81
N ASN A 235 -16.56 -10.79 12.23
CA ASN A 235 -17.20 -11.83 13.04
C ASN A 235 -16.23 -12.94 13.42
N LYS A 236 -15.42 -13.41 12.47
CA LYS A 236 -14.45 -14.46 12.79
C LYS A 236 -13.31 -13.91 13.63
N TRP A 237 -12.84 -12.71 13.32
CA TRP A 237 -11.75 -12.08 14.04
C TRP A 237 -12.15 -10.64 14.32
N LYS A 238 -11.63 -10.06 15.38
CA LYS A 238 -11.99 -8.69 15.70
C LYS A 238 -11.04 -7.75 14.95
N ILE A 239 -11.19 -7.72 13.62
CA ILE A 239 -10.28 -6.90 12.85
C ILE A 239 -10.63 -5.43 13.08
N LEU A 240 -9.61 -4.58 12.98
CA LEU A 240 -9.76 -3.15 13.14
C LEU A 240 -9.37 -2.48 11.83
N THR A 241 -10.36 -1.98 11.09
CA THR A 241 -10.07 -1.19 9.90
C THR A 241 -9.70 0.22 10.33
N ILE A 242 -8.48 0.67 10.01
CA ILE A 242 -7.97 1.93 10.56
C ILE A 242 -7.48 2.86 9.44
N GLY A 243 -7.86 2.59 8.20
CA GLY A 243 -7.34 3.35 7.07
C GLY A 243 -8.31 4.33 6.44
N PRO A 244 -7.81 5.19 5.51
CA PRO A 244 -6.39 5.32 5.17
C PRO A 244 -5.58 5.95 6.30
N THR A 245 -4.35 5.44 6.54
CA THR A 245 -3.52 6.06 7.57
C THR A 245 -2.99 7.42 7.13
N ALA A 246 -2.81 7.64 5.82
CA ALA A 246 -2.39 8.94 5.30
C ALA A 246 -3.30 10.08 5.79
N PRO A 247 -2.78 11.30 5.96
CA PRO A 247 -3.65 12.43 6.28
C PRO A 247 -4.61 12.72 5.14
N THR A 248 -5.81 13.21 5.50
CA THR A 248 -6.79 13.53 4.48
C THR A 248 -6.30 14.68 3.61
N ALA A 249 -6.84 14.75 2.38
CA ALA A 249 -6.55 15.87 1.49
C ALA A 249 -6.96 17.18 2.13
N ALA A 250 -8.12 17.20 2.81
CA ALA A 250 -8.57 18.40 3.50
C ALA A 250 -7.56 18.82 4.57
N ALA A 251 -7.09 17.86 5.38
CA ALA A 251 -6.14 18.20 6.44
C ALA A 251 -4.84 18.76 5.87
N ALA A 252 -4.40 18.26 4.71
CA ALA A 252 -3.13 18.67 4.13
C ALA A 252 -3.21 20.05 3.44
N THR A 264 10.64 16.14 -4.29
CA THR A 264 9.40 16.65 -3.70
C THR A 264 9.19 18.11 -4.09
N GLU A 265 10.13 18.67 -4.83
CA GLU A 265 10.02 20.01 -5.36
C GLU A 265 9.85 20.04 -6.87
N VAL A 266 10.65 19.24 -7.60
CA VAL A 266 10.66 19.30 -9.07
C VAL A 266 9.26 19.05 -9.63
N CYS A 267 8.60 17.99 -9.17
CA CYS A 267 7.31 17.60 -9.76
C CYS A 267 6.24 18.66 -9.48
N MET A 268 6.29 19.26 -8.29
CA MET A 268 5.30 20.25 -7.89
C MET A 268 5.44 21.52 -8.72
N LYS A 269 6.68 21.94 -9.01
CA LYS A 269 6.86 23.11 -9.87
C LYS A 269 6.31 22.86 -11.27
N TRP A 270 6.60 21.70 -11.85
CA TRP A 270 6.08 21.35 -13.18
C TRP A 270 4.55 21.30 -13.18
N LEU A 271 3.95 20.61 -12.20
CA LEU A 271 2.50 20.49 -12.16
C LEU A 271 1.82 21.86 -11.96
N ASP A 272 2.43 22.74 -11.16
CA ASP A 272 1.85 24.07 -10.94
C ASP A 272 1.70 24.83 -12.26
N GLU A 273 2.53 24.53 -13.26
CA GLU A 273 2.47 25.27 -14.51
C GLU A 273 1.53 24.65 -15.54
N ARG A 274 0.89 23.52 -15.21
CA ARG A 274 -0.07 22.88 -16.11
C ARG A 274 -1.49 23.33 -15.79
N GLU A 275 -2.40 23.08 -16.74
CA GLU A 275 -3.80 23.40 -16.52
C GLU A 275 -4.46 22.36 -15.62
N PRO A 276 -5.55 22.72 -14.95
CA PRO A 276 -6.28 21.74 -14.13
C PRO A 276 -6.75 20.58 -14.97
N ASN A 277 -6.72 19.38 -14.38
CA ASN A 277 -7.24 18.15 -15.00
C ASN A 277 -6.60 17.86 -16.37
N SER A 278 -5.30 18.15 -16.50
CA SER A 278 -4.63 18.02 -17.79
C SER A 278 -3.56 16.93 -17.84
N VAL A 279 -3.22 16.31 -16.71
CA VAL A 279 -2.02 15.48 -16.58
C VAL A 279 -2.41 14.05 -16.25
N ILE A 280 -1.87 13.10 -17.01
CA ILE A 280 -1.89 11.68 -16.65
C ILE A 280 -0.64 11.40 -15.82
N TYR A 281 -0.85 11.00 -14.58
CA TYR A 281 0.24 10.60 -13.70
C TYR A 281 0.43 9.10 -13.84
N VAL A 282 1.67 8.67 -14.11
CA VAL A 282 1.97 7.28 -14.46
C VAL A 282 3.05 6.77 -13.50
N SER A 283 2.79 5.64 -12.84
CA SER A 283 3.81 5.05 -11.97
C SER A 283 3.47 3.60 -11.70
N PHE A 284 4.46 2.71 -11.83
CA PHE A 284 4.21 1.29 -11.59
C PHE A 284 4.84 0.81 -10.29
N GLY A 285 5.05 1.73 -9.35
CA GLY A 285 5.54 1.36 -8.04
C GLY A 285 7.05 1.22 -8.02
N SER A 286 7.57 0.89 -6.84
CA SER A 286 9.01 0.84 -6.63
C SER A 286 9.61 -0.54 -6.86
N ILE A 287 8.80 -1.55 -7.19
CA ILE A 287 9.25 -2.93 -7.28
C ILE A 287 9.09 -3.50 -8.68
N ALA A 288 7.94 -3.26 -9.32
CA ALA A 288 7.66 -3.87 -10.62
C ALA A 288 8.70 -3.47 -11.65
N SER A 289 9.02 -4.40 -12.55
CA SER A 289 9.95 -4.17 -13.66
C SER A 289 9.28 -4.66 -14.94
N LEU A 290 8.90 -3.72 -15.81
CA LEU A 290 8.24 -4.06 -17.05
C LEU A 290 9.25 -4.39 -18.13
N THR A 291 8.85 -5.24 -19.08
CA THR A 291 9.75 -5.60 -20.15
C THR A 291 10.01 -4.41 -21.06
N GLU A 292 11.04 -4.55 -21.89
CA GLU A 292 11.40 -3.52 -22.86
C GLU A 292 10.25 -3.22 -23.80
N GLN A 293 9.58 -4.26 -24.30
CA GLN A 293 8.47 -4.05 -25.22
C GLN A 293 7.31 -3.37 -24.52
N GLN A 294 7.04 -3.73 -23.25
CA GLN A 294 5.93 -3.11 -22.54
C GLN A 294 6.18 -1.62 -22.34
N MET A 295 7.42 -1.23 -22.01
CA MET A 295 7.73 0.19 -21.93
C MET A 295 7.53 0.91 -23.26
N GLU A 296 7.82 0.23 -24.39
CA GLU A 296 7.67 0.91 -25.67
C GLU A 296 6.20 1.17 -25.97
N GLU A 297 5.32 0.22 -25.66
CA GLU A 297 3.89 0.41 -25.87
C GLU A 297 3.33 1.56 -25.02
N ILE A 298 3.69 1.58 -23.74
CA ILE A 298 3.28 2.66 -22.84
C ILE A 298 3.77 4.00 -23.38
N SER A 299 5.04 4.06 -23.76
CA SER A 299 5.65 5.30 -24.20
C SER A 299 4.98 5.84 -25.47
N GLN A 300 4.67 4.96 -26.43
CA GLN A 300 4.06 5.45 -27.67
C GLN A 300 2.64 5.95 -27.41
N ALA A 301 1.88 5.29 -26.53
CA ALA A 301 0.57 5.83 -26.15
C ALA A 301 0.71 7.20 -25.49
N LEU A 302 1.67 7.36 -24.56
CA LEU A 302 1.78 8.63 -23.84
C LEU A 302 2.21 9.77 -24.75
N PHE A 303 2.99 9.48 -25.80
CA PHE A 303 3.46 10.58 -26.63
C PHE A 303 2.46 10.98 -27.70
N THR A 304 1.31 10.31 -27.78
CA THR A 304 0.30 10.65 -28.77
C THR A 304 -1.09 10.95 -28.18
N THR A 305 -1.25 11.00 -26.86
CA THR A 305 -2.54 11.35 -26.26
C THR A 305 -2.75 12.87 -26.29
N ASN A 306 -3.98 13.29 -25.95
CA ASN A 306 -4.29 14.70 -25.85
C ASN A 306 -3.99 15.30 -24.47
N PHE A 307 -3.16 14.65 -23.66
CA PHE A 307 -2.93 15.11 -22.31
C PHE A 307 -1.43 15.23 -22.01
N ASN A 308 -1.12 16.08 -21.03
CA ASN A 308 0.21 16.11 -20.45
C ASN A 308 0.44 14.83 -19.66
N PHE A 309 1.72 14.53 -19.36
CA PHE A 309 1.99 13.34 -18.58
C PHE A 309 3.19 13.54 -17.67
N LEU A 310 3.11 12.87 -16.51
CA LEU A 310 4.20 12.78 -15.54
C LEU A 310 4.39 11.30 -15.22
N TRP A 311 5.56 10.77 -15.59
CA TRP A 311 5.83 9.34 -15.58
C TRP A 311 7.06 9.10 -14.69
N VAL A 312 6.85 8.41 -13.57
CA VAL A 312 7.94 8.01 -12.69
C VAL A 312 8.56 6.72 -13.24
N VAL A 313 9.85 6.77 -13.56
CA VAL A 313 10.64 5.62 -14.02
C VAL A 313 11.90 5.58 -13.17
N ARG A 314 12.01 4.59 -12.29
CA ARG A 314 13.19 4.51 -11.43
C ARG A 314 14.45 4.36 -12.27
N GLU A 315 15.57 4.82 -11.70
CA GLU A 315 16.88 4.76 -12.35
C GLU A 315 17.13 3.43 -13.05
N GLU A 316 17.03 2.33 -12.28
CA GLU A 316 17.31 1.00 -12.81
C GLU A 316 16.40 0.64 -13.99
N GLU A 317 15.20 1.23 -14.06
CA GLU A 317 14.28 0.95 -15.15
C GLU A 317 14.53 1.80 -16.40
N ARG A 318 15.38 2.84 -16.31
CA ARG A 318 15.59 3.73 -17.44
C ARG A 318 16.12 3.00 -18.67
N THR A 319 17.04 2.07 -18.47
CA THR A 319 17.67 1.39 -19.60
C THR A 319 16.66 0.62 -20.44
N LYS A 320 15.47 0.33 -19.91
CA LYS A 320 14.46 -0.38 -20.67
C LYS A 320 13.49 0.54 -21.40
N LEU A 321 13.70 1.86 -21.31
CA LEU A 321 12.94 2.79 -22.13
C LEU A 321 13.38 2.64 -23.60
N PRO A 322 12.52 3.00 -24.55
CA PRO A 322 12.92 2.94 -25.96
C PRO A 322 14.17 3.78 -26.21
N ASN A 323 14.99 3.34 -27.17
CA ASN A 323 16.26 4.02 -27.45
C ASN A 323 16.04 5.50 -27.71
N CYS A 324 15.06 5.83 -28.55
CA CYS A 324 14.90 7.20 -29.03
C CYS A 324 14.65 8.20 -27.92
N LEU A 325 14.14 7.77 -26.76
CA LEU A 325 14.00 8.66 -25.61
C LEU A 325 15.18 8.51 -24.66
N ASN A 334 20.07 6.95 -18.01
CA ASN A 334 21.10 7.65 -17.22
C ASN A 334 20.61 8.98 -16.63
N PRO A 335 19.99 9.86 -17.43
CA PRO A 335 19.49 11.12 -16.85
C PRO A 335 18.43 10.88 -15.78
N SER A 336 18.54 11.63 -14.69
CA SER A 336 17.54 11.54 -13.63
C SER A 336 16.19 12.09 -14.06
N SER A 337 16.17 13.07 -14.96
CA SER A 337 14.90 13.58 -15.45
C SER A 337 15.03 14.01 -16.91
N GLU A 338 13.90 14.02 -17.59
CA GLU A 338 13.84 14.36 -19.00
C GLU A 338 12.50 15.04 -19.26
N SER A 339 12.52 16.07 -20.09
CA SER A 339 11.31 16.86 -20.34
C SER A 339 10.98 16.80 -21.83
N PHE A 340 9.67 16.79 -22.14
CA PHE A 340 9.22 16.49 -23.50
C PHE A 340 8.10 17.42 -23.95
N THR A 341 8.10 17.72 -25.25
CA THR A 341 6.89 18.10 -25.97
C THR A 341 6.46 16.90 -26.81
N THR A 342 5.19 16.50 -26.68
CA THR A 342 4.77 15.26 -27.29
C THR A 342 4.31 15.48 -28.72
N ALA A 343 3.94 14.39 -29.39
CA ALA A 343 3.52 14.48 -30.79
C ALA A 343 2.19 15.18 -30.93
N ALA A 344 1.44 15.30 -29.83
CA ALA A 344 0.16 16.00 -29.85
C ALA A 344 0.26 17.43 -29.32
N GLY A 345 1.48 17.94 -29.14
CA GLY A 345 1.65 19.30 -28.65
C GLY A 345 1.55 19.47 -27.15
N LYS A 346 1.50 18.36 -26.39
CA LYS A 346 1.37 18.43 -24.95
C LYS A 346 2.77 18.35 -24.32
N LEU A 347 2.85 18.28 -23.00
CA LEU A 347 4.12 18.26 -22.29
C LEU A 347 4.24 17.02 -21.42
N GLY A 348 5.46 16.53 -21.26
CA GLY A 348 5.70 15.35 -20.45
C GLY A 348 6.96 15.52 -19.63
N LEU A 349 7.01 14.80 -18.52
CA LEU A 349 8.15 14.77 -17.64
C LEU A 349 8.35 13.34 -17.19
N ILE A 350 9.58 12.82 -17.36
CA ILE A 350 9.99 11.55 -16.78
C ILE A 350 10.97 11.87 -15.64
N ILE A 351 10.70 11.33 -14.44
CA ILE A 351 11.51 11.58 -13.26
C ILE A 351 11.72 10.26 -12.52
N ASN A 352 12.73 10.25 -11.65
CA ASN A 352 13.07 9.03 -10.93
C ASN A 352 12.16 8.78 -9.72
N TRP A 353 11.57 9.84 -9.16
CA TRP A 353 10.82 9.72 -7.91
C TRP A 353 9.95 10.96 -7.75
N CYS A 354 8.83 10.80 -7.05
CA CYS A 354 7.96 11.93 -6.73
C CYS A 354 7.25 11.65 -5.42
N PRO A 355 6.78 12.71 -4.73
CA PRO A 355 5.90 12.48 -3.57
C PRO A 355 4.49 12.15 -4.04
N GLN A 356 4.16 10.86 -4.08
CA GLN A 356 2.99 10.41 -4.83
C GLN A 356 1.70 11.00 -4.28
N LEU A 357 1.55 11.05 -2.96
CA LEU A 357 0.29 11.53 -2.39
C LEU A 357 0.08 13.01 -2.72
N ASP A 358 1.15 13.81 -2.68
CA ASP A 358 1.05 15.21 -3.06
C ASP A 358 0.76 15.35 -4.55
N VAL A 359 1.38 14.52 -5.38
CA VAL A 359 1.10 14.56 -6.81
C VAL A 359 -0.37 14.23 -7.06
N LEU A 360 -0.84 13.13 -6.46
CA LEU A 360 -2.24 12.71 -6.68
C LEU A 360 -3.23 13.78 -6.27
N ARG A 361 -2.89 14.59 -5.26
CA ARG A 361 -3.78 15.64 -4.78
C ARG A 361 -3.52 16.98 -5.46
N HIS A 362 -2.72 17.01 -6.53
CA HIS A 362 -2.53 18.25 -7.28
C HIS A 362 -3.67 18.44 -8.27
N GLU A 363 -4.20 19.67 -8.34
CA GLU A 363 -5.34 19.96 -9.21
C GLU A 363 -5.07 19.65 -10.67
N SER A 364 -3.81 19.58 -11.08
CA SER A 364 -3.45 19.34 -12.47
C SER A 364 -3.68 17.91 -12.89
N VAL A 365 -3.81 16.98 -11.95
CA VAL A 365 -3.81 15.56 -12.29
C VAL A 365 -5.22 15.13 -12.65
N ALA A 366 -5.35 14.53 -13.83
CA ALA A 366 -6.63 14.05 -14.32
C ALA A 366 -6.87 12.58 -13.99
N CYS A 367 -5.83 11.74 -14.06
CA CYS A 367 -6.00 10.31 -13.85
C CYS A 367 -4.64 9.71 -13.51
N PHE A 368 -4.69 8.46 -13.04
CA PHE A 368 -3.56 7.74 -12.45
C PHE A 368 -3.46 6.41 -13.19
N MET A 369 -2.41 6.25 -14.02
CA MET A 369 -2.04 4.95 -14.59
C MET A 369 -1.12 4.24 -13.63
N THR A 370 -1.56 3.07 -13.15
CA THR A 370 -0.99 2.46 -11.96
C THR A 370 -0.88 0.96 -12.13
N HIS A 371 0.03 0.35 -11.36
CA HIS A 371 0.09 -1.09 -11.28
C HIS A 371 -0.96 -1.66 -10.34
N CYS A 372 -1.69 -0.81 -9.61
CA CYS A 372 -2.74 -1.20 -8.66
C CYS A 372 -2.21 -1.89 -7.42
N GLY A 373 -0.98 -1.59 -6.97
CA GLY A 373 -0.60 -1.97 -5.62
C GLY A 373 -1.53 -1.32 -4.62
N TRP A 374 -1.74 -1.97 -3.46
CA TRP A 374 -2.80 -1.48 -2.60
C TRP A 374 -2.51 -0.07 -2.07
N ASN A 375 -1.26 0.19 -1.69
CA ASN A 375 -0.98 1.52 -1.16
C ASN A 375 -1.29 2.60 -2.20
N SER A 376 -0.82 2.38 -3.44
CA SER A 376 -1.14 3.35 -4.51
C SER A 376 -2.65 3.45 -4.72
N THR A 377 -3.36 2.32 -4.70
CA THR A 377 -4.80 2.33 -4.93
C THR A 377 -5.52 3.13 -3.85
N LEU A 378 -5.19 2.88 -2.58
CA LEU A 378 -5.84 3.63 -1.51
C LEU A 378 -5.43 5.10 -1.50
N GLU A 379 -4.18 5.41 -1.87
CA GLU A 379 -3.83 6.83 -1.97
C GLU A 379 -4.66 7.52 -3.05
N ALA A 380 -4.85 6.86 -4.19
CA ALA A 380 -5.72 7.41 -5.22
C ALA A 380 -7.15 7.57 -4.73
N ILE A 381 -7.69 6.57 -4.01
CA ILE A 381 -9.06 6.67 -3.48
C ILE A 381 -9.19 7.90 -2.57
N SER A 382 -8.22 8.08 -1.65
CA SER A 382 -8.23 9.19 -0.72
C SER A 382 -7.96 10.54 -1.38
N SER A 383 -7.64 10.55 -2.67
CA SER A 383 -7.39 11.78 -3.41
C SER A 383 -8.43 12.05 -4.48
N GLY A 384 -9.34 11.12 -4.75
CA GLY A 384 -10.37 11.32 -5.76
C GLY A 384 -9.90 11.24 -7.20
N VAL A 385 -8.85 10.47 -7.48
CA VAL A 385 -8.28 10.38 -8.83
C VAL A 385 -8.70 9.05 -9.45
N PRO A 386 -9.34 9.04 -10.62
CA PRO A 386 -9.67 7.77 -11.28
C PRO A 386 -8.43 7.14 -11.90
N MET A 387 -8.49 5.83 -12.14
CA MET A 387 -7.30 5.10 -12.58
C MET A 387 -7.47 4.29 -13.87
N ILE A 388 -6.31 4.06 -14.49
CA ILE A 388 -6.12 3.12 -15.59
C ILE A 388 -5.26 1.99 -15.02
N CYS A 389 -5.86 0.80 -14.91
CA CYS A 389 -5.27 -0.29 -14.14
C CYS A 389 -4.43 -1.17 -15.06
N VAL A 390 -3.15 -1.29 -14.74
CA VAL A 390 -2.21 -2.13 -15.48
C VAL A 390 -1.54 -3.07 -14.50
N PRO A 391 -2.28 -4.02 -13.92
CA PRO A 391 -1.72 -4.82 -12.82
C PRO A 391 -0.71 -5.83 -13.32
N GLN A 392 0.24 -6.17 -12.44
CA GLN A 392 1.33 -7.08 -12.78
C GLN A 392 1.32 -8.35 -11.96
N TRP A 393 1.29 -8.28 -10.64
CA TRP A 393 1.29 -9.54 -9.90
C TRP A 393 0.66 -9.37 -8.52
N VAL A 394 0.59 -10.50 -7.79
CA VAL A 394 0.01 -10.66 -6.46
C VAL A 394 -1.35 -9.96 -6.39
N ASP A 395 -1.52 -9.03 -5.45
CA ASP A 395 -2.84 -8.46 -5.20
C ASP A 395 -3.29 -7.48 -6.28
N GLN A 396 -2.39 -7.09 -7.20
CA GLN A 396 -2.71 -6.02 -8.13
C GLN A 396 -3.87 -6.40 -9.04
N THR A 397 -3.95 -7.68 -9.44
CA THR A 397 -5.04 -8.11 -10.32
C THR A 397 -6.39 -8.03 -9.60
N THR A 398 -6.46 -8.58 -8.37
CA THR A 398 -7.69 -8.49 -7.60
C THR A 398 -8.08 -7.03 -7.34
N ASN A 399 -7.09 -6.19 -7.00
CA ASN A 399 -7.36 -4.77 -6.80
C ASN A 399 -7.98 -4.15 -8.05
N ALA A 400 -7.42 -4.48 -9.22
CA ALA A 400 -7.94 -3.94 -10.48
C ALA A 400 -9.40 -4.34 -10.71
N LYS A 401 -9.75 -5.59 -10.40
CA LYS A 401 -11.14 -6.04 -10.45
C LYS A 401 -12.05 -5.12 -9.63
N PHE A 402 -11.66 -4.83 -8.39
CA PHE A 402 -12.51 -4.01 -7.53
C PHE A 402 -12.55 -2.57 -7.99
N ILE A 403 -11.41 -2.05 -8.46
CA ILE A 403 -11.36 -0.69 -8.98
C ILE A 403 -12.33 -0.53 -10.15
N GLN A 404 -12.27 -1.46 -11.11
CA GLN A 404 -13.13 -1.31 -12.30
C GLN A 404 -14.58 -1.64 -11.97
N ASP A 405 -14.83 -2.78 -11.31
CA ASP A 405 -16.18 -3.35 -11.30
C ASP A 405 -16.95 -3.14 -10.00
N VAL A 406 -16.29 -2.86 -8.87
CA VAL A 406 -16.98 -2.72 -7.59
C VAL A 406 -17.06 -1.27 -7.15
N TRP A 407 -15.91 -0.63 -6.96
CA TRP A 407 -15.87 0.80 -6.62
C TRP A 407 -16.15 1.68 -7.84
N LYS A 408 -15.84 1.18 -9.04
CA LYS A 408 -16.11 1.88 -10.31
C LYS A 408 -15.42 3.24 -10.36
N ILE A 409 -14.11 3.21 -10.17
CA ILE A 409 -13.30 4.43 -10.16
C ILE A 409 -12.16 4.29 -11.15
N GLY A 410 -12.27 3.35 -12.07
CA GLY A 410 -11.20 3.17 -13.05
C GLY A 410 -11.58 2.14 -14.09
N VAL A 411 -10.63 1.88 -15.01
CA VAL A 411 -10.80 0.85 -16.02
C VAL A 411 -9.52 0.03 -16.11
N ARG A 412 -9.69 -1.27 -16.39
CA ARG A 412 -8.58 -2.23 -16.44
C ARG A 412 -8.22 -2.52 -17.89
N VAL A 413 -6.90 -2.56 -18.19
CA VAL A 413 -6.48 -2.88 -19.55
C VAL A 413 -6.68 -4.37 -19.82
N ASN A 414 -6.77 -4.71 -21.10
CA ASN A 414 -6.84 -6.10 -21.54
C ASN A 414 -5.50 -6.52 -22.16
N ASN A 415 -5.02 -7.70 -21.77
CA ASN A 415 -3.66 -8.13 -22.10
C ASN A 415 -3.62 -8.96 -23.39
N GLY A 422 2.00 -11.01 -20.70
CA GLY A 422 0.90 -10.59 -21.56
C GLY A 422 0.99 -9.11 -21.89
N LEU A 423 1.42 -8.81 -23.11
CA LEU A 423 1.70 -7.44 -23.51
C LEU A 423 0.42 -6.65 -23.70
N VAL A 424 0.38 -5.43 -23.17
CA VAL A 424 -0.71 -4.50 -23.38
C VAL A 424 -0.30 -3.54 -24.50
N LYS A 425 -1.04 -3.58 -25.61
CA LYS A 425 -0.67 -2.82 -26.80
C LYS A 425 -0.99 -1.34 -26.61
N LYS A 426 -0.25 -0.51 -27.37
CA LYS A 426 -0.45 0.93 -27.25
C LYS A 426 -1.90 1.32 -27.58
N GLU A 427 -2.54 0.60 -28.49
CA GLU A 427 -3.93 0.91 -28.85
C GLU A 427 -4.88 0.62 -27.69
N GLU A 428 -4.54 -0.36 -26.85
CA GLU A 428 -5.37 -0.65 -25.69
C GLU A 428 -5.15 0.38 -24.58
N ILE A 429 -3.90 0.79 -24.36
CA ILE A 429 -3.64 1.86 -23.40
C ILE A 429 -4.36 3.13 -23.84
N GLU A 430 -4.17 3.52 -25.10
CA GLU A 430 -4.88 4.66 -25.66
C GLU A 430 -6.38 4.56 -25.44
N ARG A 431 -6.96 3.37 -25.64
CA ARG A 431 -8.41 3.22 -25.45
C ARG A 431 -8.81 3.56 -24.03
N CYS A 432 -8.04 3.11 -23.06
CA CYS A 432 -8.40 3.35 -21.68
C CYS A 432 -8.20 4.80 -21.31
N ILE A 433 -7.15 5.43 -21.87
CA ILE A 433 -6.92 6.84 -21.60
C ILE A 433 -8.09 7.66 -22.12
N LYS A 434 -8.57 7.36 -23.32
CA LYS A 434 -9.70 8.10 -23.87
C LYS A 434 -10.96 7.87 -23.04
N GLU A 435 -11.17 6.64 -22.58
CA GLU A 435 -12.35 6.35 -21.78
C GLU A 435 -12.34 7.12 -20.46
N VAL A 436 -11.21 7.09 -19.74
CA VAL A 436 -11.18 7.75 -18.43
C VAL A 436 -11.13 9.26 -18.59
N CYS A 437 -10.36 9.77 -19.56
CA CYS A 437 -10.01 11.18 -19.59
C CYS A 437 -10.89 12.01 -20.53
N GLU A 438 -11.54 11.40 -21.51
CA GLU A 438 -12.26 12.16 -22.53
C GLU A 438 -13.76 11.93 -22.55
N SER A 439 -14.24 10.75 -22.17
CA SER A 439 -15.60 10.32 -22.44
C SER A 439 -16.53 10.63 -21.27
N GLU A 440 -17.83 10.46 -21.53
CA GLU A 440 -18.83 10.68 -20.47
C GLU A 440 -18.70 9.65 -19.36
N LYS A 441 -18.36 8.41 -19.71
CA LYS A 441 -18.09 7.41 -18.66
C LYS A 441 -16.98 7.88 -17.74
N GLY A 442 -15.95 8.53 -18.31
CA GLY A 442 -14.86 9.04 -17.50
C GLY A 442 -15.32 10.07 -16.49
N LYS A 443 -16.26 10.94 -16.89
CA LYS A 443 -16.88 11.87 -15.96
C LYS A 443 -17.59 11.12 -14.82
N GLU A 444 -18.29 10.01 -15.13
CA GLU A 444 -18.89 9.21 -14.06
C GLU A 444 -17.82 8.57 -13.15
N LEU A 445 -16.73 8.04 -13.71
CA LEU A 445 -15.68 7.49 -12.86
C LEU A 445 -15.11 8.55 -11.92
N LYS A 446 -14.91 9.76 -12.43
CA LYS A 446 -14.43 10.85 -11.58
C LYS A 446 -15.41 11.18 -10.47
N ARG A 447 -16.72 11.25 -10.77
CA ARG A 447 -17.72 11.46 -9.73
C ARG A 447 -17.66 10.36 -8.68
N ASN A 448 -17.62 9.10 -9.11
CA ASN A 448 -17.47 7.98 -8.18
C ASN A 448 -16.21 8.13 -7.30
N ALA A 449 -15.10 8.56 -7.89
CA ALA A 449 -13.86 8.68 -7.12
C ALA A 449 -13.95 9.80 -6.10
N MET A 450 -14.61 10.91 -6.46
CA MET A 450 -14.83 11.98 -5.51
C MET A 450 -15.78 11.52 -4.37
N LYS A 451 -16.82 10.74 -4.69
CA LYS A 451 -17.66 10.14 -3.65
C LYS A 451 -16.81 9.31 -2.67
N TRP A 452 -15.96 8.43 -3.20
CA TRP A 452 -15.16 7.58 -2.33
C TRP A 452 -14.11 8.37 -1.55
N LYS A 453 -13.56 9.43 -2.14
CA LYS A 453 -12.66 10.33 -1.39
C LYS A 453 -13.37 10.89 -0.16
N ASP A 454 -14.55 11.45 -0.34
CA ASP A 454 -15.29 12.00 0.81
C ASP A 454 -15.56 10.92 1.86
N LEU A 455 -15.89 9.70 1.43
CA LEU A 455 -16.15 8.64 2.39
C LEU A 455 -14.87 8.21 3.12
N SER A 456 -13.74 8.21 2.42
CA SER A 456 -12.46 7.95 3.10
C SER A 456 -12.16 9.01 4.15
N LYS A 457 -12.46 10.27 3.83
CA LYS A 457 -12.27 11.36 4.79
C LYS A 457 -13.20 11.21 5.99
N GLU A 458 -14.48 10.87 5.73
CA GLU A 458 -15.43 10.55 6.80
C GLU A 458 -14.88 9.47 7.73
N ALA A 459 -14.23 8.45 7.17
CA ALA A 459 -13.80 7.31 7.98
C ALA A 459 -12.80 7.71 9.06
N VAL A 460 -11.90 8.64 8.74
CA VAL A 460 -10.79 8.95 9.64
C VAL A 460 -11.00 10.24 10.40
N SER A 461 -12.12 10.92 10.16
CA SER A 461 -12.50 12.08 10.94
C SER A 461 -13.26 11.64 12.18
N GLU A 462 -13.47 12.58 13.09
CA GLU A 462 -14.10 12.25 14.37
C GLU A 462 -15.47 11.62 14.12
N GLY A 463 -15.70 10.46 14.75
CA GLY A 463 -16.93 9.71 14.55
C GLY A 463 -16.87 8.67 13.47
N GLY A 464 -15.84 8.71 12.60
CA GLY A 464 -15.74 7.72 11.54
C GLY A 464 -15.24 6.38 12.04
N SER A 465 -15.52 5.33 11.26
CA SER A 465 -15.22 3.97 11.70
C SER A 465 -13.74 3.75 11.92
N SER A 466 -12.89 4.39 11.11
CA SER A 466 -11.43 4.23 11.26
C SER A 466 -10.88 5.01 12.44
N ASP A 467 -11.39 6.22 12.67
CA ASP A 467 -11.01 6.97 13.87
C ASP A 467 -11.44 6.23 15.14
N THR A 468 -12.66 5.68 15.14
CA THR A 468 -13.16 4.87 16.24
C THR A 468 -12.29 3.63 16.46
N ASN A 469 -12.00 2.91 15.37
CA ASN A 469 -11.24 1.67 15.50
C ASN A 469 -9.81 1.95 15.98
N LEU A 470 -9.19 3.03 15.49
CA LEU A 470 -7.83 3.36 15.92
C LEU A 470 -7.81 3.82 17.38
N GLU A 471 -8.83 4.55 17.82
CA GLU A 471 -8.91 4.94 19.23
C GLU A 471 -9.18 3.72 20.12
N TYR A 472 -9.86 2.69 19.60
CA TYR A 472 -10.03 1.45 20.35
C TYR A 472 -8.68 0.79 20.58
N PHE A 473 -7.86 0.70 19.53
CA PHE A 473 -6.50 0.19 19.68
C PHE A 473 -5.73 1.01 20.72
N ALA A 474 -5.70 2.34 20.55
CA ALA A 474 -4.90 3.20 21.41
C ALA A 474 -5.35 3.12 22.88
N SER A 475 -6.66 3.19 23.13
CA SER A 475 -7.18 3.25 24.50
C SER A 475 -7.00 1.93 25.23
N THR A 476 -7.26 0.79 24.56
CA THR A 476 -7.11 -0.49 25.24
C THR A 476 -5.65 -0.80 25.55
N LEU A 477 -4.70 -0.20 24.83
CA LEU A 477 -3.30 -0.32 25.21
C LEU A 477 -3.06 0.23 26.60
N LEU A 478 -3.87 1.21 27.03
CA LEU A 478 -3.68 1.80 28.35
C LEU A 478 -4.17 0.88 29.46
N PHE A 479 -5.20 0.06 29.20
CA PHE A 479 -5.71 -0.87 30.20
C PHE A 479 -4.70 -1.96 30.43
N TYR A 480 -4.27 -2.59 29.33
CA TYR A 480 -3.66 -3.90 29.31
C TYR A 480 -2.62 -4.09 30.40
#